data_1C5Z
#
_entry.id   1C5Z
#
_cell.length_a   82.780
_cell.length_b   49.050
_cell.length_c   66.850
_cell.angle_alpha   90.00
_cell.angle_beta   113.68
_cell.angle_gamma   90.00
#
_symmetry.space_group_name_H-M   'C 1 2 1'
#
loop_
_entity.id
_entity.type
_entity.pdbx_description
1 polymer 'PROTEIN (UROKINASE-TYPE PLASMINOGEN ACTIVATOR)'
2 polymer 'PROTEIN (UROKINASE-TYPE PLASMINOGEN ACTIVATOR)'
3 non-polymer 'CITRATE ANION'
4 non-polymer BENZAMIDINE
5 water water
#
loop_
_entity_poly.entity_id
_entity_poly.type
_entity_poly.pdbx_seq_one_letter_code
_entity_poly.pdbx_strand_id
1 'polypeptide(L)' KPSSPPEELKFQCGQKTLRPRFK A
2 'polypeptide(L)'
;IIGGEFTTIENQPWFAAIYRRHRGGSVTYVCGGSLMSPCWVISATHCFIDYPKKEDYIVYLGRSRLNSNTQGEMKFEVEN
LILHKDYSADTLAHHNDIALLKIRSKEGRCAQPSRTIQTICLPSMYNDPQFGTSCEITGFGKEASTDYLYPEQLKMTVVK
LISHRECQQPHYYGSEVTTKMLCAADPQWKTDSCQGDSGGPLVCSLQGRMTLTGIVSWGRGCALKDKPGVYTRVSHFLPW
IRSHTKEENGLAL
;
B
#
loop_
_chem_comp.id
_chem_comp.type
_chem_comp.name
_chem_comp.formula
BEN non-polymer BENZAMIDINE 'C7 H8 N2'
FLC non-polymer 'CITRATE ANION' 'C6 H5 O7 -3'
#
# COMPACT_ATOMS: atom_id res chain seq x y z
N LEU A 9 -14.70 18.30 4.59
CA LEU A 9 -14.81 19.67 4.04
C LEU A 9 -13.70 19.79 2.98
N LYS A 10 -12.48 19.80 3.45
CA LYS A 10 -11.27 19.89 2.58
C LYS A 10 -10.44 18.74 3.15
N PHE A 11 -9.43 18.36 2.43
CA PHE A 11 -8.58 17.24 2.90
C PHE A 11 -7.59 17.73 3.94
N GLN A 12 -7.40 16.89 4.91
CA GLN A 12 -6.48 17.14 6.04
C GLN A 12 -5.80 15.80 6.02
N CYS A 13 -4.60 15.78 5.52
CA CYS A 13 -3.90 14.48 5.46
C CYS A 13 -3.77 13.80 6.82
N GLY A 14 -3.93 12.50 6.85
CA GLY A 14 -3.79 11.76 8.16
C GLY A 14 -4.96 11.68 9.09
N GLN A 15 -5.95 12.51 8.86
CA GLN A 15 -7.17 12.51 9.75
C GLN A 15 -8.22 11.46 9.45
N LYS A 16 -8.80 10.96 10.50
CA LYS A 16 -9.88 9.93 10.42
C LYS A 16 -11.06 10.69 11.07
N THR A 17 -12.30 10.48 10.69
CA THR A 17 -13.40 11.24 11.34
C THR A 17 -14.52 10.25 11.80
N ILE B 1 -4.03 -10.06 4.90
CA ILE B 1 -3.29 -9.77 6.15
C ILE B 1 -3.46 -11.05 6.91
N ILE B 2 -2.47 -11.45 7.64
CA ILE B 2 -2.60 -12.72 8.43
C ILE B 2 -2.90 -12.10 9.79
N GLY B 3 -3.92 -12.60 10.44
CA GLY B 3 -4.29 -12.06 11.77
C GLY B 3 -4.90 -10.70 11.44
N GLY B 4 -4.98 -9.82 12.40
CA GLY B 4 -5.56 -8.50 12.05
C GLY B 4 -6.97 -8.54 12.53
N GLU B 5 -7.69 -7.55 12.14
CA GLU B 5 -9.12 -7.43 12.52
C GLU B 5 -9.81 -6.97 11.23
N PHE B 6 -11.09 -7.07 11.20
CA PHE B 6 -11.87 -6.64 10.00
C PHE B 6 -12.19 -5.22 10.35
N THR B 7 -12.19 -4.33 9.40
CA THR B 7 -12.50 -2.89 9.65
C THR B 7 -13.38 -2.37 8.52
N THR B 8 -13.56 -1.09 8.49
CA THR B 8 -14.37 -0.42 7.46
C THR B 8 -13.41 0.67 6.96
N ILE B 9 -13.72 1.28 5.85
CA ILE B 9 -12.84 2.34 5.31
C ILE B 9 -12.79 3.60 6.21
N GLU B 10 -13.75 3.80 7.07
CA GLU B 10 -13.68 5.04 7.93
C GLU B 10 -12.33 5.01 8.69
N ASN B 11 -11.86 3.82 8.95
CA ASN B 11 -10.56 3.69 9.69
C ASN B 11 -9.30 3.78 8.85
N GLN B 12 -9.45 3.85 7.56
CA GLN B 12 -8.30 3.95 6.61
C GLN B 12 -8.73 4.71 5.37
N PRO B 13 -9.24 5.89 5.50
CA PRO B 13 -10.01 6.53 4.40
C PRO B 13 -9.12 6.94 3.22
N TRP B 14 -7.86 6.70 3.33
CA TRP B 14 -6.90 7.05 2.25
C TRP B 14 -6.58 5.81 1.45
N PHE B 15 -7.09 4.69 1.88
CA PHE B 15 -6.80 3.41 1.17
C PHE B 15 -7.59 3.38 -0.16
N ALA B 16 -6.89 2.97 -1.18
CA ALA B 16 -7.45 2.87 -2.56
C ALA B 16 -7.42 1.42 -3.00
N ALA B 17 -8.48 1.00 -3.63
CA ALA B 17 -8.61 -0.39 -4.13
C ALA B 17 -8.45 -0.24 -5.67
N ILE B 18 -7.52 -0.98 -6.19
CA ILE B 18 -7.20 -0.96 -7.65
C ILE B 18 -7.63 -2.32 -8.23
N TYR B 19 -8.43 -2.24 -9.25
CA TYR B 19 -8.94 -3.47 -9.91
C TYR B 19 -8.56 -3.42 -11.39
N ARG B 20 -8.71 -4.53 -12.07
CA ARG B 20 -8.39 -4.58 -13.51
C ARG B 20 -9.64 -5.13 -14.17
N ARG B 21 -9.93 -4.60 -15.33
CA ARG B 21 -11.13 -5.03 -16.11
C ARG B 21 -10.63 -6.13 -17.04
N HIS B 22 -11.50 -7.02 -17.41
CA HIS B 22 -11.07 -8.11 -18.33
C HIS B 22 -12.04 -8.07 -19.47
N ARG B 23 -11.56 -8.43 -20.63
CA ARG B 23 -12.41 -8.44 -21.85
C ARG B 23 -13.08 -9.78 -21.57
N GLY B 24 -14.23 -9.69 -20.98
CA GLY B 24 -15.00 -10.91 -20.63
C GLY B 24 -16.15 -10.51 -19.69
N GLY B 25 -16.03 -9.35 -19.08
CA GLY B 25 -17.10 -8.85 -18.15
C GLY B 25 -16.67 -8.84 -16.68
N SER B 26 -15.59 -9.50 -16.36
CA SER B 26 -15.14 -9.52 -14.94
C SER B 26 -14.10 -8.47 -14.62
N VAL B 27 -14.09 -8.06 -13.37
CA VAL B 27 -13.11 -7.04 -12.92
C VAL B 27 -12.43 -7.81 -11.75
N THR B 28 -11.13 -7.78 -11.63
CA THR B 28 -10.51 -8.54 -10.50
C THR B 28 -9.65 -7.54 -9.72
N TYR B 29 -9.44 -7.86 -8.50
CA TYR B 29 -8.63 -6.99 -7.62
C TYR B 29 -7.17 -7.20 -7.99
N VAL B 30 -6.42 -6.14 -7.91
CA VAL B 30 -4.98 -6.21 -8.24
C VAL B 30 -4.14 -5.96 -6.98
N CYS B 31 -4.10 -4.73 -6.55
CA CYS B 31 -3.32 -4.32 -5.34
C CYS B 31 -4.02 -3.15 -4.65
N GLY B 32 -3.44 -2.70 -3.57
CA GLY B 32 -4.02 -1.57 -2.80
C GLY B 32 -3.21 -0.31 -3.06
N GLY B 33 -3.63 0.82 -2.56
CA GLY B 33 -2.86 2.10 -2.80
C GLY B 33 -3.26 3.10 -1.73
N SER B 34 -2.75 4.29 -1.82
CA SER B 34 -3.10 5.35 -0.81
C SER B 34 -3.26 6.66 -1.58
N LEU B 35 -4.05 7.58 -1.07
CA LEU B 35 -4.30 8.92 -1.73
C LEU B 35 -3.31 9.91 -1.09
N MET B 36 -2.53 10.53 -1.92
CA MET B 36 -1.49 11.53 -1.46
C MET B 36 -2.09 12.94 -1.56
N SER B 37 -2.80 13.19 -2.63
CA SER B 37 -3.46 14.49 -2.87
C SER B 37 -4.73 14.13 -3.66
N PRO B 38 -5.61 15.06 -3.95
CA PRO B 38 -6.93 14.74 -4.52
C PRO B 38 -6.89 13.91 -5.81
N CYS B 39 -5.90 14.15 -6.63
CA CYS B 39 -5.79 13.38 -7.91
C CYS B 39 -4.67 12.35 -7.92
N TRP B 40 -3.95 12.14 -6.85
CA TRP B 40 -2.84 11.13 -6.95
C TRP B 40 -2.91 10.01 -5.93
N VAL B 41 -2.76 8.81 -6.43
CA VAL B 41 -2.78 7.58 -5.57
C VAL B 41 -1.36 6.96 -5.76
N ILE B 42 -0.82 6.36 -4.72
CA ILE B 42 0.52 5.72 -4.83
C ILE B 42 0.33 4.23 -4.51
N SER B 43 1.15 3.45 -5.16
CA SER B 43 1.11 1.97 -4.98
C SER B 43 2.49 1.47 -5.35
N ALA B 44 2.55 0.23 -5.75
CA ALA B 44 3.83 -0.42 -6.15
C ALA B 44 3.89 -0.67 -7.64
N THR B 45 5.07 -0.59 -8.20
CA THR B 45 5.30 -0.82 -9.66
C THR B 45 5.06 -2.30 -10.01
N HIS B 46 5.56 -3.19 -9.20
CA HIS B 46 5.36 -4.61 -9.53
C HIS B 46 3.86 -4.95 -9.65
N CYS B 47 3.01 -4.09 -9.19
CA CYS B 47 1.55 -4.43 -9.32
C CYS B 47 1.06 -4.21 -10.79
N PHE B 48 1.75 -3.35 -11.48
CA PHE B 48 1.41 -3.00 -12.92
C PHE B 48 2.39 -3.51 -13.96
N ILE B 49 3.58 -3.76 -13.53
CA ILE B 49 4.65 -4.28 -14.41
C ILE B 49 4.24 -5.21 -15.55
N ASP B 50 3.40 -6.17 -15.27
CA ASP B 50 3.01 -7.11 -16.37
C ASP B 50 1.93 -6.68 -17.30
N TYR B 51 1.18 -5.69 -16.93
CA TYR B 51 0.09 -5.24 -17.83
C TYR B 51 -0.05 -3.72 -17.67
N PRO B 52 0.93 -2.97 -18.09
CA PRO B 52 0.91 -1.51 -17.90
C PRO B 52 -0.04 -0.79 -18.87
N LYS B 53 -1.27 -1.21 -18.93
CA LYS B 53 -2.28 -0.59 -19.84
C LYS B 53 -3.26 0.14 -18.92
N LYS B 54 -2.93 1.37 -18.61
CA LYS B 54 -3.77 2.23 -17.73
C LYS B 54 -5.27 2.17 -17.95
N GLU B 55 -5.61 2.17 -19.21
CA GLU B 55 -7.06 2.13 -19.59
C GLU B 55 -7.79 0.90 -19.00
N ASP B 56 -7.07 -0.10 -18.58
CA ASP B 56 -7.78 -1.28 -18.02
C ASP B 56 -7.93 -1.33 -16.53
N TYR B 57 -7.52 -0.32 -15.83
CA TYR B 57 -7.65 -0.36 -14.35
C TYR B 57 -8.71 0.63 -13.85
N ILE B 58 -9.29 0.29 -12.73
CA ILE B 58 -10.34 1.15 -12.10
C ILE B 58 -9.86 1.33 -10.66
N VAL B 59 -10.06 2.50 -10.12
CA VAL B 59 -9.62 2.76 -8.72
C VAL B 59 -10.86 3.16 -7.92
N TYR B 60 -11.06 2.57 -6.77
CA TYR B 60 -12.24 2.95 -5.94
C TYR B 60 -11.70 3.48 -4.64
N LEU B 61 -12.39 4.45 -4.15
CA LEU B 61 -12.03 5.09 -2.85
C LEU B 61 -13.28 4.93 -2.00
N GLY B 62 -13.14 4.87 -0.71
CA GLY B 62 -14.31 4.73 0.18
C GLY B 62 -14.86 3.33 0.03
N ARG B 63 -14.04 2.32 -0.07
CA ARG B 63 -14.58 0.93 -0.23
C ARG B 63 -14.25 0.01 0.96
N SER B 64 -15.26 -0.42 1.67
CA SER B 64 -15.01 -1.31 2.84
C SER B 64 -15.02 -2.79 2.38
N ARG B 65 -15.64 -3.08 1.26
CA ARG B 65 -15.70 -4.48 0.76
C ARG B 65 -14.94 -4.64 -0.56
N LEU B 66 -14.68 -5.86 -0.89
CA LEU B 66 -13.93 -6.10 -2.15
C LEU B 66 -14.80 -6.11 -3.40
N ASN B 67 -15.83 -6.91 -3.44
CA ASN B 67 -16.69 -6.93 -4.68
C ASN B 67 -18.11 -6.44 -4.49
N SER B 68 -18.43 -5.79 -3.41
CA SER B 68 -19.82 -5.29 -3.19
C SER B 68 -19.65 -3.80 -2.94
N ASN B 69 -20.67 -3.02 -3.13
CA ASN B 69 -20.49 -1.55 -2.91
C ASN B 69 -20.62 -1.15 -1.45
N THR B 70 -20.08 0.01 -1.22
CA THR B 70 -20.04 0.70 0.09
C THR B 70 -20.71 2.01 -0.35
N GLN B 71 -21.55 2.60 0.47
CA GLN B 71 -22.18 3.88 0.02
C GLN B 71 -21.09 4.93 0.29
N GLY B 72 -20.99 5.86 -0.61
CA GLY B 72 -19.99 6.93 -0.46
C GLY B 72 -18.74 6.61 -1.27
N GLU B 73 -18.71 5.46 -1.92
CA GLU B 73 -17.48 5.13 -2.71
C GLU B 73 -17.40 5.93 -4.01
N MET B 74 -16.20 6.11 -4.51
CA MET B 74 -15.99 6.87 -5.80
C MET B 74 -15.21 5.94 -6.70
N LYS B 75 -15.46 6.00 -7.97
CA LYS B 75 -14.77 5.15 -8.97
C LYS B 75 -14.01 6.12 -9.87
N PHE B 76 -12.81 5.78 -10.23
CA PHE B 76 -11.95 6.64 -11.10
C PHE B 76 -11.28 5.80 -12.19
N GLU B 77 -10.72 6.54 -13.11
CA GLU B 77 -9.99 5.93 -14.25
C GLU B 77 -8.59 6.46 -13.98
N VAL B 78 -7.62 5.78 -14.50
CA VAL B 78 -6.20 6.18 -14.32
C VAL B 78 -5.92 7.07 -15.51
N GLU B 79 -5.68 8.32 -15.22
CA GLU B 79 -5.39 9.31 -16.29
C GLU B 79 -3.93 9.12 -16.61
N ASN B 80 -3.14 8.81 -15.62
CA ASN B 80 -1.66 8.62 -15.85
C ASN B 80 -1.22 7.46 -14.98
N LEU B 81 -0.30 6.68 -15.47
CA LEU B 81 0.24 5.50 -14.74
C LEU B 81 1.75 5.78 -14.83
N ILE B 82 2.38 6.03 -13.72
CA ILE B 82 3.84 6.30 -13.73
C ILE B 82 4.49 5.20 -12.94
N LEU B 83 5.32 4.46 -13.59
CA LEU B 83 6.02 3.34 -12.92
C LEU B 83 7.44 3.83 -12.71
N HIS B 84 8.21 3.13 -11.92
CA HIS B 84 9.61 3.59 -11.68
C HIS B 84 10.58 3.04 -12.72
N LYS B 85 11.44 3.92 -13.10
CA LYS B 85 12.48 3.57 -14.09
C LYS B 85 13.52 3.19 -13.04
N ASP B 86 14.09 2.04 -13.16
CA ASP B 86 15.14 1.46 -12.27
C ASP B 86 14.47 0.38 -11.42
N TYR B 87 13.26 0.01 -11.79
CA TYR B 87 12.52 -1.03 -11.04
C TYR B 87 13.16 -2.38 -11.38
N SER B 88 13.54 -3.13 -10.38
CA SER B 88 14.17 -4.45 -10.64
C SER B 88 13.53 -5.47 -9.72
N ALA B 89 13.66 -6.71 -10.06
CA ALA B 89 13.09 -7.82 -9.25
C ALA B 89 14.19 -8.83 -9.25
N ASP B 90 14.39 -9.55 -8.19
CA ASP B 90 15.47 -10.58 -8.13
C ASP B 90 14.77 -11.79 -7.59
N THR B 91 15.50 -12.70 -7.05
CA THR B 91 14.86 -13.91 -6.52
C THR B 91 14.33 -13.56 -5.11
N LEU B 92 13.41 -12.62 -5.05
CA LEU B 92 12.76 -12.14 -3.77
C LEU B 92 12.37 -10.69 -3.75
N ALA B 93 13.37 -9.86 -3.70
CA ALA B 93 13.06 -8.41 -3.66
C ALA B 93 12.74 -7.74 -4.96
N HIS B 94 12.17 -6.60 -4.77
CA HIS B 94 11.76 -5.69 -5.89
C HIS B 94 12.51 -4.42 -5.46
N HIS B 95 13.20 -3.78 -6.35
CA HIS B 95 13.95 -2.57 -6.00
C HIS B 95 13.17 -1.46 -6.67
N ASN B 96 13.16 -0.32 -6.05
CA ASN B 96 12.44 0.89 -6.58
C ASN B 96 11.01 0.53 -6.86
N ASP B 97 10.43 -0.14 -5.91
CA ASP B 97 9.02 -0.57 -6.09
C ASP B 97 7.93 0.44 -5.70
N ILE B 98 7.89 1.54 -6.40
CA ILE B 98 6.84 2.58 -6.10
C ILE B 98 6.17 3.04 -7.41
N ALA B 99 4.89 3.30 -7.41
CA ALA B 99 4.22 3.75 -8.68
C ALA B 99 3.22 4.86 -8.34
N LEU B 100 2.84 5.65 -9.31
CA LEU B 100 1.85 6.78 -9.08
C LEU B 100 0.71 6.61 -10.10
N LEU B 101 -0.50 6.87 -9.69
CA LEU B 101 -1.68 6.75 -10.59
C LEU B 101 -2.42 8.08 -10.43
N LYS B 102 -2.64 8.75 -11.52
CA LYS B 102 -3.36 10.05 -11.42
C LYS B 102 -4.74 9.56 -11.75
N ILE B 103 -5.71 9.97 -10.99
CA ILE B 103 -7.09 9.52 -11.23
C ILE B 103 -7.99 10.61 -11.78
N ARG B 104 -8.97 10.20 -12.52
CA ARG B 104 -9.93 11.13 -13.14
C ARG B 104 -11.29 10.45 -13.02
N SER B 105 -12.27 11.16 -12.58
CA SER B 105 -13.64 10.59 -12.42
C SER B 105 -14.34 10.76 -13.79
N LYS B 106 -15.44 10.08 -14.03
CA LYS B 106 -16.10 10.26 -15.37
C LYS B 106 -16.75 11.63 -15.53
N GLU B 107 -16.48 12.51 -14.63
CA GLU B 107 -17.06 13.88 -14.70
C GLU B 107 -15.93 14.92 -14.73
N GLY B 108 -14.72 14.46 -14.79
CA GLY B 108 -13.56 15.41 -14.84
C GLY B 108 -13.03 15.81 -13.49
N ARG B 109 -13.30 15.05 -12.48
CA ARG B 109 -12.78 15.47 -11.14
C ARG B 109 -11.92 14.43 -10.44
N CYS B 110 -11.29 14.90 -9.41
CA CYS B 110 -10.41 14.04 -8.59
C CYS B 110 -11.15 13.70 -7.31
N ALA B 111 -10.50 13.10 -6.34
CA ALA B 111 -11.21 12.74 -5.08
C ALA B 111 -11.77 13.97 -4.36
N GLN B 112 -12.82 13.68 -3.64
CA GLN B 112 -13.56 14.70 -2.85
C GLN B 112 -13.55 14.22 -1.39
N PRO B 113 -13.37 15.11 -0.44
CA PRO B 113 -13.15 14.73 0.98
C PRO B 113 -14.45 14.25 1.65
N SER B 114 -14.40 13.17 2.35
CA SER B 114 -15.62 12.69 3.03
C SER B 114 -15.15 11.95 4.31
N ARG B 115 -16.07 11.27 4.89
CA ARG B 115 -15.76 10.52 6.12
C ARG B 115 -15.13 9.21 5.71
N THR B 116 -15.24 8.86 4.46
CA THR B 116 -14.62 7.59 4.00
C THR B 116 -13.49 7.85 3.02
N ILE B 117 -13.23 9.09 2.66
CA ILE B 117 -12.14 9.48 1.71
C ILE B 117 -11.27 10.65 2.26
N GLN B 118 -10.01 10.40 2.53
CA GLN B 118 -9.03 11.42 3.07
C GLN B 118 -7.63 11.13 2.49
N THR B 119 -6.72 12.03 2.59
CA THR B 119 -5.37 11.79 2.06
C THR B 119 -4.50 11.39 3.23
N ILE B 120 -3.35 10.85 2.96
CA ILE B 120 -2.45 10.44 4.05
C ILE B 120 -1.23 11.39 3.85
N CYS B 121 -0.44 11.58 4.88
CA CYS B 121 0.73 12.49 4.76
C CYS B 121 2.02 11.80 4.37
N LEU B 122 2.88 12.58 3.77
CA LEU B 122 4.20 12.05 3.33
C LEU B 122 5.16 12.51 4.40
N PRO B 123 6.21 11.75 4.59
CA PRO B 123 7.30 12.16 5.51
C PRO B 123 8.10 13.28 4.85
N SER B 124 9.12 13.64 5.55
CA SER B 124 10.02 14.69 5.06
C SER B 124 11.22 13.85 4.66
N MET B 125 12.04 14.47 3.86
CA MET B 125 13.29 13.87 3.32
C MET B 125 13.99 12.92 4.27
N TYR B 126 14.08 11.70 3.85
CA TYR B 126 14.73 10.61 4.63
C TYR B 126 14.41 10.66 6.12
N ASN B 127 13.19 10.97 6.48
CA ASN B 127 12.83 11.02 7.94
C ASN B 127 11.87 9.83 8.17
N ASP B 128 12.26 8.94 9.06
CA ASP B 128 11.46 7.72 9.40
C ASP B 128 11.29 7.62 10.94
N PRO B 129 10.31 6.88 11.41
CA PRO B 129 10.20 6.55 12.86
C PRO B 129 11.43 5.70 13.25
N GLN B 130 11.62 5.52 14.52
CA GLN B 130 12.80 4.71 15.01
C GLN B 130 12.35 3.27 14.94
N PHE B 131 13.27 2.33 14.80
CA PHE B 131 12.80 0.91 14.75
C PHE B 131 12.06 0.74 16.08
N GLY B 132 11.09 -0.12 16.13
CA GLY B 132 10.31 -0.34 17.38
C GLY B 132 8.90 0.24 17.20
N THR B 133 8.80 1.36 16.53
CA THR B 133 7.47 1.96 16.32
C THR B 133 6.43 0.95 15.81
N SER B 134 5.21 1.05 16.30
CA SER B 134 4.16 0.10 15.84
C SER B 134 3.47 0.90 14.74
N CYS B 135 3.33 0.29 13.59
CA CYS B 135 2.67 0.94 12.43
C CYS B 135 1.53 0.00 12.06
N GLU B 136 0.63 0.45 11.25
CA GLU B 136 -0.51 -0.42 10.85
C GLU B 136 -0.50 -0.57 9.32
N ILE B 137 -0.85 -1.73 8.88
CA ILE B 137 -0.90 -2.01 7.42
C ILE B 137 -2.38 -2.35 7.25
N THR B 138 -2.86 -2.18 6.06
CA THR B 138 -4.26 -2.48 5.81
C THR B 138 -4.39 -3.09 4.40
N GLY B 139 -5.52 -3.68 4.14
CA GLY B 139 -5.73 -4.30 2.80
C GLY B 139 -6.57 -5.56 2.79
N PHE B 140 -6.85 -5.95 1.56
CA PHE B 140 -7.67 -7.16 1.20
C PHE B 140 -6.86 -8.38 0.84
N GLY B 141 -5.59 -8.39 1.13
CA GLY B 141 -4.77 -9.57 0.76
C GLY B 141 -5.18 -10.84 1.46
N LYS B 142 -4.48 -11.89 1.12
CA LYS B 142 -4.72 -13.25 1.68
C LYS B 142 -4.65 -13.25 3.20
N GLU B 143 -5.40 -14.18 3.77
CA GLU B 143 -5.50 -14.40 5.25
C GLU B 143 -4.66 -15.61 5.71
N ALA B 144 -4.14 -16.32 4.74
CA ALA B 144 -3.27 -17.50 4.95
C ALA B 144 -2.58 -17.59 3.63
N SER B 145 -1.30 -17.84 3.58
CA SER B 145 -0.59 -17.92 2.27
C SER B 145 -1.10 -19.09 1.39
N THR B 146 -1.76 -20.05 1.97
CA THR B 146 -2.29 -21.20 1.17
C THR B 146 -3.68 -20.90 0.57
N ASP B 147 -4.31 -19.85 1.01
CA ASP B 147 -5.67 -19.56 0.43
C ASP B 147 -5.46 -19.18 -1.04
N TYR B 148 -6.52 -19.20 -1.82
CA TYR B 148 -6.43 -18.82 -3.26
C TYR B 148 -7.43 -17.66 -3.55
N LEU B 149 -8.23 -17.21 -2.59
CA LEU B 149 -9.20 -16.06 -2.83
C LEU B 149 -8.79 -15.00 -1.78
N TYR B 150 -9.34 -13.84 -1.92
CA TYR B 150 -9.05 -12.72 -0.96
C TYR B 150 -10.33 -12.54 -0.12
N PRO B 151 -10.17 -11.98 1.06
CA PRO B 151 -11.32 -11.62 1.91
C PRO B 151 -12.21 -10.58 1.24
N GLU B 152 -13.43 -10.53 1.70
CA GLU B 152 -14.40 -9.56 1.13
C GLU B 152 -14.42 -8.30 1.98
N GLN B 153 -14.00 -8.41 3.21
CA GLN B 153 -14.02 -7.22 4.12
C GLN B 153 -12.62 -6.73 4.31
N LEU B 154 -12.52 -5.44 4.43
CA LEU B 154 -11.18 -4.83 4.64
C LEU B 154 -10.59 -5.34 5.97
N LYS B 155 -9.29 -5.44 6.04
CA LYS B 155 -8.63 -5.92 7.30
C LYS B 155 -7.51 -4.93 7.61
N MET B 156 -6.99 -5.07 8.80
CA MET B 156 -5.91 -4.19 9.29
C MET B 156 -5.21 -4.93 10.40
N THR B 157 -4.00 -4.55 10.67
CA THR B 157 -3.17 -5.18 11.76
C THR B 157 -2.07 -4.14 12.07
N VAL B 158 -1.36 -4.41 13.13
CA VAL B 158 -0.28 -3.55 13.59
C VAL B 158 0.94 -4.42 13.62
N VAL B 159 1.98 -3.87 13.11
CA VAL B 159 3.26 -4.61 13.06
C VAL B 159 4.31 -3.55 13.53
N LYS B 160 5.49 -3.99 13.86
CA LYS B 160 6.56 -3.06 14.31
C LYS B 160 7.70 -3.04 13.32
N LEU B 161 8.34 -1.92 13.30
CA LEU B 161 9.49 -1.73 12.39
C LEU B 161 10.72 -2.36 13.05
N ILE B 162 11.59 -2.94 12.26
CA ILE B 162 12.81 -3.55 12.84
C ILE B 162 13.92 -2.75 12.14
N SER B 163 15.14 -2.98 12.54
CA SER B 163 16.33 -2.26 11.97
C SER B 163 16.89 -2.98 10.75
N HIS B 164 17.75 -2.35 9.99
CA HIS B 164 18.28 -3.09 8.80
C HIS B 164 19.22 -4.14 9.36
N ARG B 165 19.98 -3.78 10.35
CA ARG B 165 20.94 -4.72 10.97
C ARG B 165 20.24 -6.04 11.24
N GLU B 166 19.06 -5.92 11.81
CA GLU B 166 18.28 -7.15 12.14
C GLU B 166 17.74 -7.83 10.88
N CYS B 167 17.26 -7.07 9.96
CA CYS B 167 16.70 -7.68 8.71
C CYS B 167 17.71 -8.20 7.70
N GLN B 168 18.91 -7.70 7.81
CA GLN B 168 19.98 -8.14 6.87
C GLN B 168 20.84 -9.18 7.54
N GLN B 169 20.26 -9.88 8.48
CA GLN B 169 21.08 -10.92 9.14
C GLN B 169 20.96 -12.04 8.10
N PRO B 170 22.00 -12.82 7.91
CA PRO B 170 21.99 -13.96 6.96
C PRO B 170 20.74 -14.86 7.05
N HIS B 171 20.27 -15.12 8.24
CA HIS B 171 19.07 -16.01 8.35
C HIS B 171 17.76 -15.29 8.20
N TYR B 172 17.84 -14.06 7.74
CA TYR B 172 16.62 -13.22 7.50
C TYR B 172 16.71 -13.05 5.98
N TYR B 173 17.10 -11.90 5.52
CA TYR B 173 17.20 -11.68 4.04
C TYR B 173 18.58 -11.28 3.58
N GLY B 174 19.56 -11.30 4.43
CA GLY B 174 20.93 -10.90 3.96
C GLY B 174 20.90 -9.52 3.29
N SER B 175 21.67 -9.36 2.24
CA SER B 175 21.75 -8.06 1.51
C SER B 175 20.70 -7.92 0.39
N GLU B 176 19.60 -8.58 0.57
CA GLU B 176 18.52 -8.49 -0.45
C GLU B 176 17.77 -7.21 -0.06
N VAL B 177 17.86 -6.87 1.20
CA VAL B 177 17.17 -5.63 1.73
C VAL B 177 18.23 -4.53 1.59
N THR B 178 17.85 -3.39 1.09
CA THR B 178 18.79 -2.25 0.91
C THR B 178 18.28 -1.03 1.73
N THR B 179 19.04 0.02 1.83
CA THR B 179 18.62 1.21 2.58
C THR B 179 17.32 1.85 2.01
N LYS B 180 16.94 1.50 0.81
CA LYS B 180 15.68 2.11 0.25
C LYS B 180 14.47 1.21 0.59
N MET B 181 14.67 0.31 1.49
CA MET B 181 13.59 -0.62 1.94
C MET B 181 13.59 -0.49 3.49
N LEU B 182 12.53 -0.98 4.04
CA LEU B 182 12.23 -1.01 5.51
C LEU B 182 11.62 -2.39 5.81
N CYS B 183 11.92 -2.99 6.93
CA CYS B 183 11.34 -4.32 7.26
C CYS B 183 10.44 -4.15 8.49
N ALA B 184 9.33 -4.84 8.57
CA ALA B 184 8.41 -4.71 9.76
C ALA B 184 7.86 -6.10 10.12
N ALA B 185 7.86 -6.50 11.36
CA ALA B 185 7.31 -7.87 11.67
C ALA B 185 6.57 -7.82 12.96
N ASP B 186 6.06 -8.94 13.35
CA ASP B 186 5.31 -9.04 14.63
C ASP B 186 6.41 -9.74 15.44
N PRO B 187 6.69 -9.32 16.65
CA PRO B 187 7.67 -10.00 17.55
C PRO B 187 7.48 -11.50 17.61
N GLN B 188 6.24 -11.87 17.58
CA GLN B 188 5.90 -13.32 17.64
C GLN B 188 5.44 -13.90 16.29
N TRP B 189 5.86 -13.26 15.22
CA TRP B 189 5.53 -13.67 13.82
C TRP B 189 4.08 -14.26 13.65
N LYS B 190 3.11 -13.52 14.12
CA LYS B 190 1.68 -13.97 14.04
C LYS B 190 0.89 -13.29 12.91
N THR B 191 1.09 -12.01 12.78
CA THR B 191 0.38 -11.24 11.74
C THR B 191 1.46 -10.70 10.76
N ASP B 192 1.05 -10.33 9.57
CA ASP B 192 2.00 -9.79 8.52
C ASP B 192 1.15 -9.45 7.30
N SER B 193 1.75 -8.82 6.31
CA SER B 193 1.03 -8.46 5.06
C SER B 193 1.16 -9.74 4.19
N CYS B 194 0.43 -9.87 3.13
CA CYS B 194 0.58 -11.13 2.32
C CYS B 194 0.22 -10.74 0.91
N GLN B 195 0.22 -11.73 0.06
CA GLN B 195 -0.11 -11.52 -1.40
C GLN B 195 -1.49 -10.88 -1.39
N GLY B 196 -1.69 -9.96 -2.29
CA GLY B 196 -2.97 -9.22 -2.42
C GLY B 196 -2.82 -7.93 -1.60
N ASP B 197 -1.82 -7.83 -0.76
CA ASP B 197 -1.69 -6.57 0.05
C ASP B 197 -0.75 -5.61 -0.58
N SER B 198 0.04 -6.05 -1.52
CA SER B 198 1.00 -5.16 -2.22
C SER B 198 0.44 -3.79 -2.56
N GLY B 199 1.29 -2.79 -2.65
CA GLY B 199 0.81 -1.41 -3.00
C GLY B 199 0.19 -0.68 -1.83
N GLY B 200 -0.28 -1.44 -0.91
CA GLY B 200 -0.93 -0.80 0.26
C GLY B 200 0.02 -0.20 1.26
N PRO B 201 -0.54 0.57 2.17
CA PRO B 201 0.27 1.46 3.03
C PRO B 201 0.69 0.82 4.35
N LEU B 202 1.72 1.39 4.88
CA LEU B 202 2.34 1.00 6.17
C LEU B 202 2.21 2.42 6.74
N VAL B 203 1.35 2.65 7.69
CA VAL B 203 1.24 4.04 8.24
C VAL B 203 1.77 4.00 9.69
N CYS B 204 2.49 5.05 10.04
CA CYS B 204 3.06 5.15 11.42
C CYS B 204 2.88 6.61 11.78
N SER B 205 3.07 6.97 13.01
CA SER B 205 2.89 8.40 13.34
C SER B 205 4.32 8.96 13.26
N LEU B 206 4.43 10.16 12.79
CA LEU B 206 5.77 10.80 12.68
C LEU B 206 5.49 12.23 12.99
N GLN B 207 6.29 12.77 13.86
CA GLN B 207 6.11 14.20 14.22
C GLN B 207 4.67 14.62 14.47
N GLY B 208 3.89 13.69 14.93
CA GLY B 208 2.45 13.99 15.22
C GLY B 208 1.48 13.51 14.14
N ARG B 209 1.93 13.36 12.93
CA ARG B 209 1.02 12.92 11.83
C ARG B 209 1.03 11.43 11.48
N MET B 210 -0.05 11.00 10.87
CA MET B 210 -0.22 9.58 10.44
C MET B 210 0.43 9.77 9.10
N THR B 211 1.60 9.20 8.98
CA THR B 211 2.41 9.28 7.74
C THR B 211 2.57 7.93 7.02
N LEU B 212 2.67 8.03 5.72
CA LEU B 212 2.84 6.83 4.85
C LEU B 212 4.34 6.56 4.94
N THR B 213 4.70 5.62 5.76
CA THR B 213 6.14 5.27 5.92
C THR B 213 6.52 4.19 4.90
N GLY B 214 5.67 3.22 4.65
CA GLY B 214 6.06 2.17 3.66
C GLY B 214 4.91 1.72 2.76
N ILE B 215 5.30 1.00 1.74
CA ILE B 215 4.35 0.44 0.75
C ILE B 215 4.65 -1.06 0.80
N VAL B 216 3.63 -1.86 0.93
CA VAL B 216 3.83 -3.35 1.00
C VAL B 216 4.49 -3.70 -0.38
N SER B 217 5.63 -4.38 -0.33
CA SER B 217 6.40 -4.79 -1.55
C SER B 217 6.66 -6.34 -1.67
N TRP B 218 7.41 -6.96 -0.78
CA TRP B 218 7.66 -8.44 -0.87
C TRP B 218 7.87 -9.06 0.51
N GLY B 219 8.20 -10.31 0.55
CA GLY B 219 8.43 -11.00 1.84
C GLY B 219 8.42 -12.47 1.49
N ARG B 220 9.14 -13.28 2.23
CA ARG B 220 9.15 -14.74 1.92
C ARG B 220 7.98 -15.30 2.72
N GLY B 221 7.08 -15.90 2.02
CA GLY B 221 5.90 -16.48 2.69
C GLY B 221 5.18 -15.33 3.36
N CYS B 222 4.33 -15.67 4.27
CA CYS B 222 3.55 -14.63 4.99
C CYS B 222 3.50 -15.08 6.46
N ALA B 223 4.01 -14.21 7.28
CA ALA B 223 4.08 -14.38 8.76
C ALA B 223 4.99 -15.57 9.00
N LEU B 224 6.17 -15.50 8.45
CA LEU B 224 7.13 -16.62 8.64
C LEU B 224 8.17 -16.12 9.61
N LYS B 225 8.63 -17.03 10.40
CA LYS B 225 9.63 -16.67 11.41
C LYS B 225 10.85 -16.18 10.64
N ASP B 226 11.41 -15.12 11.15
CA ASP B 226 12.62 -14.44 10.60
C ASP B 226 12.52 -14.00 9.17
N LYS B 227 11.30 -13.88 8.71
CA LYS B 227 11.02 -13.44 7.32
C LYS B 227 10.03 -12.29 7.55
N PRO B 228 10.58 -11.13 7.82
CA PRO B 228 9.78 -9.88 7.93
C PRO B 228 9.13 -9.51 6.60
N GLY B 229 8.31 -8.52 6.65
CA GLY B 229 7.63 -8.08 5.41
C GLY B 229 8.57 -6.98 5.00
N VAL B 230 8.81 -6.77 3.73
CA VAL B 230 9.74 -5.67 3.30
C VAL B 230 8.87 -4.65 2.60
N TYR B 231 9.14 -3.40 2.87
CA TYR B 231 8.36 -2.30 2.27
C TYR B 231 9.25 -1.31 1.61
N THR B 232 8.66 -0.51 0.76
CA THR B 232 9.44 0.55 0.04
C THR B 232 9.55 1.73 1.07
N ARG B 233 10.75 2.26 1.19
CA ARG B 233 11.01 3.37 2.13
C ARG B 233 10.61 4.66 1.41
N VAL B 234 9.40 5.06 1.63
CA VAL B 234 8.83 6.29 1.00
C VAL B 234 9.75 7.55 1.19
N SER B 235 10.24 7.79 2.39
CA SER B 235 11.13 8.98 2.71
C SER B 235 12.35 9.12 1.77
N HIS B 236 12.68 8.05 1.10
CA HIS B 236 13.85 8.05 0.16
C HIS B 236 13.41 8.30 -1.27
N PHE B 237 12.12 8.33 -1.49
CA PHE B 237 11.62 8.58 -2.86
C PHE B 237 11.02 9.97 -2.98
N LEU B 238 10.88 10.70 -1.91
CA LEU B 238 10.30 12.10 -2.01
C LEU B 238 10.70 12.91 -3.28
N PRO B 239 11.95 12.99 -3.66
CA PRO B 239 12.34 13.77 -4.90
C PRO B 239 11.59 13.32 -6.19
N TRP B 240 11.53 12.02 -6.28
CA TRP B 240 10.88 11.29 -7.41
C TRP B 240 9.39 11.61 -7.42
N ILE B 241 8.77 11.39 -6.29
CA ILE B 241 7.31 11.68 -6.19
C ILE B 241 7.13 13.15 -6.64
N ARG B 242 7.87 14.00 -6.00
CA ARG B 242 7.80 15.46 -6.31
C ARG B 242 7.98 15.77 -7.79
N SER B 243 9.00 15.28 -8.41
CA SER B 243 9.14 15.62 -9.84
C SER B 243 7.94 15.22 -10.68
N HIS B 244 7.09 14.36 -10.19
CA HIS B 244 5.91 13.95 -11.00
C HIS B 244 4.60 14.56 -10.51
N THR B 245 4.44 14.77 -9.23
CA THR B 245 3.16 15.35 -8.72
C THR B 245 3.08 16.89 -8.80
CAC FLC C . -24.54 0.92 -12.60
CA FLC C . -23.57 0.71 -11.39
CB FLC C . -22.03 0.42 -11.68
CBC FLC C . -21.85 -0.82 -12.57
CG FLC C . -21.23 0.34 -10.25
CGC FLC C . -19.75 0.85 -10.15
OA1 FLC C . -25.09 2.01 -12.70
OA2 FLC C . -24.74 0.01 -13.40
OB1 FLC C . -22.05 -0.65 -13.77
OB2 FLC C . -21.51 -1.87 -12.06
OG1 FLC C . -19.09 1.06 -11.15
OG2 FLC C . -19.30 1.02 -9.04
OHB FLC C . -21.51 1.53 -12.40
HA1 FLC C . -23.97 -0.09 -10.79
HA2 FLC C . -23.61 1.60 -10.78
HG1 FLC C . -21.23 -0.69 -9.91
HG2 FLC C . -21.80 0.90 -9.53
HOB FLC C . -20.94 1.07 -13.05
CAC FLC D . -18.26 0.77 -17.05
CA FLC D . -19.79 0.55 -16.69
CB FLC D . -20.67 1.86 -16.25
CBC FLC D . -22.19 1.81 -16.71
CG FLC D . -20.02 3.26 -16.52
CGC FLC D . -20.81 4.51 -15.95
OA1 FLC D . -17.98 0.96 -18.22
OA2 FLC D . -17.42 0.73 -16.16
OB1 FLC D . -22.48 1.67 -17.89
OB2 FLC D . -23.03 1.94 -15.83
OG1 FLC D . -21.65 5.07 -16.65
OG2 FLC D . -20.54 4.88 -14.81
OHB FLC D . -20.65 1.77 -14.84
HA1 FLC D . -19.84 -0.18 -15.90
HA2 FLC D . -20.27 0.11 -17.55
HG1 FLC D . -19.90 3.39 -17.60
HG2 FLC D . -19.03 3.27 -16.09
HOB FLC D . -21.54 2.05 -14.62
CAC FLC E . 0.76 -9.56 -4.24
CA FLC E . 1.70 -9.00 -5.32
CB FLC E . 1.58 -9.34 -6.92
CBC FLC E . 0.25 -9.93 -7.50
CG FLC E . 2.88 -9.93 -7.68
CGC FLC E . 4.13 -10.29 -6.83
OA1 FLC E . 0.56 -8.81 -3.29
OA2 FLC E . 0.29 -10.69 -4.34
OB1 FLC E . -0.70 -9.18 -7.59
OB2 FLC E . 0.23 -11.09 -7.85
OG1 FLC E . 4.84 -9.40 -6.41
OG2 FLC E . 4.35 -11.46 -6.63
OHB FLC E . 1.58 -8.00 -7.41
HA1 FLC E . 2.70 -9.21 -5.00
HA2 FLC E . 1.56 -7.93 -5.24
HG1 FLC E . 3.20 -9.25 -8.45
HG2 FLC E . 2.59 -10.83 -8.20
HOB FLC E . 0.64 -7.86 -7.60
C1 BEN F . 4.39 -10.21 1.85
C2 BEN F . 4.31 -11.34 1.01
C3 BEN F . 4.01 -11.22 -0.34
C4 BEN F . 3.78 -9.96 -0.89
C5 BEN F . 3.85 -8.83 -0.10
C6 BEN F . 4.15 -8.96 1.24
C BEN F . 4.70 -10.32 3.21
N1 BEN F . 4.59 -9.26 3.97
N2 BEN F . 5.09 -11.47 3.73
H1 BEN F . 4.78 -9.25 4.94
H2 BEN F . 4.48 -12.33 1.41
H3 BEN F . 3.95 -12.10 -0.97
H4 BEN F . 3.54 -9.86 -1.94
H5 BEN F . 3.67 -7.86 -0.52
H6 BEN F . 4.19 -8.06 1.82
HN1 BEN F . 4.28 -8.37 3.60
HN21 BEN F . 5.15 -12.29 3.14
HN22 BEN F . 5.35 -11.60 4.67
#